data_3C4T
#
_entry.id   3C4T
#
_cell.length_a   70.126
_cell.length_b   70.126
_cell.length_c   132.663
_cell.angle_alpha   90.00
_cell.angle_beta   90.00
_cell.angle_gamma   90.00
#
_symmetry.space_group_name_H-M   'P 42 21 2'
#
loop_
_entity.id
_entity.type
_entity.pdbx_description
1 polymer 'Endoribonuclease Dicer'
2 non-polymer 'CADMIUM ION'
3 water water
#
_entity_poly.entity_id   1
_entity_poly.type   'polypeptide(L)'
_entity_poly.pdbx_seq_one_letter_code
;GPDAEKTLNHLISGFETFEKKINYRFKNKAYLLQAFTHASYHYNTITD(OCS)YQRLEFLGDAILDYLITKHLYEDPRQH
SPGVLTDLRSALVNNTIFASLAVKYDYHKYFKAVSPELFHVIDDFVKFQLEKNEMQGMDSELRRSEEDEEKEEDIEVPKA
MGDIFESLAGAIYMDSGMSLEVVWQVYYPMMQPLIEKFSANVPRSPVRELLEMEPETAKFSPAERTYDGKVRVTVEVVGK
GKFKGVGRSYRIAKSAAARRALRSLKANQ
;
_entity_poly.pdbx_strand_id   A
#
loop_
_chem_comp.id
_chem_comp.type
_chem_comp.name
_chem_comp.formula
CD non-polymer 'CADMIUM ION' 'Cd 2'
#
# COMPACT_ATOMS: atom_id res chain seq x y z
N ASP A 3 -7.46 31.91 -25.21
CA ASP A 3 -6.61 32.51 -24.12
C ASP A 3 -6.40 31.60 -22.91
N ALA A 4 -5.14 31.44 -22.52
CA ALA A 4 -4.75 30.39 -21.58
C ALA A 4 -5.02 30.66 -20.10
N GLU A 5 -4.22 31.55 -19.50
CA GLU A 5 -4.25 31.87 -18.06
C GLU A 5 -5.64 31.70 -17.37
N LYS A 6 -6.72 31.95 -18.13
CA LYS A 6 -8.12 31.83 -17.63
C LYS A 6 -8.86 30.51 -18.01
N THR A 7 -8.56 29.96 -19.19
CA THR A 7 -9.00 28.60 -19.53
C THR A 7 -8.80 27.72 -18.33
N LEU A 8 -7.77 28.06 -17.58
CA LEU A 8 -7.32 27.19 -16.53
C LEU A 8 -8.19 27.28 -15.29
N ASN A 9 -8.50 28.50 -14.87
CA ASN A 9 -9.26 28.70 -13.65
C ASN A 9 -10.59 28.06 -13.84
N HIS A 10 -10.98 28.09 -15.11
CA HIS A 10 -12.14 27.41 -15.60
C HIS A 10 -12.04 25.96 -15.26
N LEU A 11 -10.82 25.46 -15.36
CA LEU A 11 -10.70 24.05 -15.29
C LEU A 11 -10.56 23.53 -13.90
N ILE A 12 -9.94 24.33 -13.05
CA ILE A 12 -9.78 23.93 -11.67
C ILE A 12 -10.86 24.43 -10.74
N SER A 13 -11.91 25.04 -11.24
CA SER A 13 -12.93 25.45 -10.32
C SER A 13 -13.41 24.23 -9.56
N GLY A 14 -13.24 24.26 -8.25
CA GLY A 14 -13.89 23.29 -7.41
C GLY A 14 -12.81 22.65 -6.62
N PHE A 15 -11.62 22.56 -7.22
CA PHE A 15 -10.50 21.81 -6.64
C PHE A 15 -10.10 22.33 -5.24
N GLU A 16 -10.48 23.57 -4.96
CA GLU A 16 -10.52 24.13 -3.62
C GLU A 16 -10.88 23.10 -2.55
N THR A 17 -12.01 22.41 -2.69
CA THR A 17 -12.41 21.44 -1.67
C THR A 17 -11.49 20.27 -1.66
N PHE A 18 -11.08 19.90 -2.86
CA PHE A 18 -10.34 18.68 -2.92
C PHE A 18 -9.01 18.88 -2.25
N GLU A 19 -8.34 20.00 -2.54
CA GLU A 19 -7.10 20.33 -1.85
C GLU A 19 -7.37 20.40 -0.38
N LYS A 20 -8.44 21.07 -0.01
CA LYS A 20 -8.84 20.95 1.38
C LYS A 20 -8.99 19.47 1.77
N LYS A 21 -9.82 18.68 1.10
CA LYS A 21 -10.13 17.42 1.72
C LYS A 21 -8.87 16.67 2.11
N ILE A 22 -7.86 16.69 1.23
CA ILE A 22 -6.62 15.83 1.34
C ILE A 22 -5.55 16.62 2.08
N ASN A 23 -5.96 17.78 2.49
CA ASN A 23 -5.04 18.60 3.12
C ASN A 23 -3.73 18.86 2.43
N TYR A 24 -3.72 19.27 1.18
CA TYR A 24 -2.47 19.80 0.60
C TYR A 24 -2.72 20.97 -0.34
N ARG A 25 -1.82 21.94 -0.43
CA ARG A 25 -2.14 23.06 -1.34
C ARG A 25 -1.17 23.36 -2.48
N PHE A 26 -1.53 22.93 -3.69
CA PHE A 26 -0.69 23.04 -4.90
C PHE A 26 -0.16 24.41 -5.32
N LYS A 27 1.14 24.61 -5.39
CA LYS A 27 1.64 25.90 -5.93
C LYS A 27 1.38 26.01 -7.43
N ASN A 28 1.79 25.02 -8.22
CA ASN A 28 1.36 24.99 -9.59
C ASN A 28 0.09 24.16 -9.66
N LYS A 29 -1.04 24.83 -9.81
CA LYS A 29 -2.32 24.12 -9.90
C LYS A 29 -2.37 23.20 -11.16
N ALA A 30 -1.52 23.51 -12.13
CA ALA A 30 -1.56 22.75 -13.38
C ALA A 30 -1.18 21.31 -13.12
N TYR A 31 -0.39 21.08 -12.09
CA TYR A 31 -0.04 19.72 -11.77
C TYR A 31 -1.28 19.01 -11.28
N LEU A 32 -2.09 19.71 -10.49
CA LEU A 32 -3.33 19.13 -9.96
C LEU A 32 -4.21 18.69 -11.11
N LEU A 33 -4.44 19.66 -11.99
CA LEU A 33 -5.39 19.46 -13.07
C LEU A 33 -4.94 18.26 -13.92
N GLN A 34 -3.73 18.34 -14.45
CA GLN A 34 -3.19 17.23 -15.21
C GLN A 34 -3.36 15.89 -14.56
N ALA A 35 -3.05 15.85 -13.27
CA ALA A 35 -3.13 14.62 -12.52
C ALA A 35 -4.46 14.00 -12.75
N PHE A 36 -5.42 14.87 -13.05
CA PHE A 36 -6.81 14.48 -13.00
C PHE A 36 -7.47 14.40 -14.39
N THR A 37 -6.76 14.93 -15.39
CA THR A 37 -7.23 14.95 -16.75
C THR A 37 -7.09 13.61 -17.40
N HIS A 38 -8.20 12.92 -17.60
CA HIS A 38 -8.18 11.65 -18.30
C HIS A 38 -7.88 11.86 -19.78
N ALA A 39 -7.97 10.84 -20.60
CA ALA A 39 -7.67 11.02 -22.03
C ALA A 39 -8.89 11.53 -22.78
N SER A 40 -10.05 11.03 -22.38
CA SER A 40 -11.32 11.30 -23.03
C SER A 40 -11.82 12.69 -22.73
N TYR A 41 -11.09 13.41 -21.90
CA TYR A 41 -11.48 14.77 -21.58
C TYR A 41 -10.86 15.70 -22.63
N HIS A 42 -11.46 15.74 -23.81
CA HIS A 42 -10.96 16.49 -25.00
C HIS A 42 -11.02 18.02 -24.87
N TYR A 43 -11.51 18.50 -23.71
CA TYR A 43 -11.63 19.92 -23.39
C TYR A 43 -10.32 20.54 -22.89
N ASN A 44 -9.48 19.74 -22.22
CA ASN A 44 -8.27 20.28 -21.68
C ASN A 44 -7.22 20.21 -22.75
N THR A 45 -6.64 21.36 -23.06
CA THR A 45 -5.70 21.42 -24.18
C THR A 45 -4.42 22.04 -23.71
N ILE A 46 -4.27 22.13 -22.40
CA ILE A 46 -3.19 22.90 -21.86
C ILE A 46 -2.23 22.02 -21.07
N THR A 47 -2.65 20.80 -20.80
CA THR A 47 -1.74 19.84 -20.26
C THR A 47 -1.96 18.49 -20.83
N ASP A 48 -0.97 17.66 -20.56
CA ASP A 48 -1.10 16.29 -20.84
C ASP A 48 -2.16 15.66 -19.94
N OCS A 49 -2.69 14.53 -20.39
CA OCS A 49 -3.47 13.73 -19.48
CB OCS A 49 -4.15 12.55 -20.21
SG OCS A 49 -3.12 11.57 -21.33
C OCS A 49 -2.49 13.22 -18.45
O OCS A 49 -1.28 13.46 -18.56
OD1 OCS A 49 -3.91 11.02 -22.38
OD2 OCS A 49 -2.47 10.56 -20.56
OD3 OCS A 49 -2.13 12.41 -21.93
N TYR A 50 -3.01 12.54 -17.46
CA TYR A 50 -2.20 12.28 -16.31
C TYR A 50 -1.38 11.05 -16.55
N GLN A 51 -1.54 10.41 -17.69
CA GLN A 51 -0.94 9.09 -17.81
C GLN A 51 0.55 9.05 -17.43
N ARG A 52 1.31 10.10 -17.77
CA ARG A 52 2.76 10.12 -17.48
C ARG A 52 3.03 10.26 -16.00
N LEU A 53 2.05 10.73 -15.26
CA LEU A 53 2.14 10.96 -13.84
C LEU A 53 1.58 9.78 -13.07
N GLU A 54 0.76 8.97 -13.74
CA GLU A 54 0.37 7.64 -13.27
C GLU A 54 1.62 6.72 -13.02
N PHE A 55 2.48 6.66 -14.05
CA PHE A 55 3.72 5.87 -14.14
C PHE A 55 4.67 6.19 -12.98
N LEU A 56 5.22 7.40 -13.02
CA LEU A 56 5.91 8.05 -11.91
C LEU A 56 5.30 7.69 -10.54
N GLY A 57 4.00 7.87 -10.41
CA GLY A 57 3.37 7.75 -9.12
C GLY A 57 3.39 6.37 -8.51
N ASP A 58 3.18 5.39 -9.36
CA ASP A 58 3.41 4.01 -9.01
C ASP A 58 4.70 3.80 -8.20
N ALA A 59 5.81 4.01 -8.88
CA ALA A 59 7.13 3.90 -8.28
C ALA A 59 7.17 4.51 -6.90
N ILE A 60 6.73 5.75 -6.81
CA ILE A 60 6.65 6.38 -5.52
C ILE A 60 5.83 5.54 -4.51
N LEU A 61 4.55 5.34 -4.78
CA LEU A 61 3.76 4.62 -3.80
C LEU A 61 4.39 3.26 -3.44
N ASP A 62 5.07 2.72 -4.45
CA ASP A 62 5.76 1.49 -4.25
C ASP A 62 6.83 1.62 -3.19
N TYR A 63 7.80 2.44 -3.54
CA TYR A 63 8.95 2.68 -2.73
C TYR A 63 8.52 2.94 -1.31
N LEU A 64 7.36 3.55 -1.21
CA LEU A 64 6.82 3.98 0.05
C LEU A 64 6.05 2.91 0.86
N ILE A 65 4.91 2.51 0.34
CA ILE A 65 4.35 1.31 0.91
C ILE A 65 5.40 0.22 1.19
N THR A 66 6.58 0.31 0.59
CA THR A 66 7.51 -0.81 0.76
C THR A 66 8.37 -0.46 1.93
N LYS A 67 8.92 0.76 1.90
CA LYS A 67 9.80 1.26 2.94
C LYS A 67 8.96 0.95 4.12
N HIS A 68 7.66 1.15 3.94
CA HIS A 68 6.80 0.93 5.08
C HIS A 68 6.77 -0.48 5.63
N LEU A 69 6.16 -1.38 4.87
CA LEU A 69 6.11 -2.77 5.23
C LEU A 69 7.44 -3.33 5.73
N TYR A 70 8.54 -2.90 5.13
CA TYR A 70 9.82 -3.49 5.54
C TYR A 70 10.28 -2.98 6.90
N GLU A 71 9.75 -1.85 7.35
CA GLU A 71 10.23 -1.26 8.61
C GLU A 71 9.40 -1.72 9.80
N ASP A 72 8.29 -2.35 9.45
CA ASP A 72 7.35 -2.82 10.41
C ASP A 72 8.11 -3.65 11.42
N PRO A 73 8.02 -3.28 12.71
CA PRO A 73 8.58 -4.07 13.82
C PRO A 73 8.08 -5.51 13.91
N ARG A 74 6.90 -5.79 13.37
CA ARG A 74 6.50 -7.18 13.17
C ARG A 74 7.59 -7.94 12.36
N GLN A 75 8.57 -7.18 11.82
CA GLN A 75 9.65 -7.66 10.93
C GLN A 75 9.33 -8.91 10.08
N HIS A 76 8.30 -8.80 9.25
CA HIS A 76 7.80 -9.96 8.49
C HIS A 76 8.89 -10.79 7.82
N SER A 77 8.62 -12.10 7.72
CA SER A 77 9.19 -12.97 6.68
C SER A 77 9.05 -12.35 5.31
N PRO A 78 9.89 -12.75 4.38
CA PRO A 78 9.98 -12.15 3.06
C PRO A 78 8.96 -12.70 2.10
N GLY A 79 8.47 -13.90 2.41
CA GLY A 79 7.37 -14.51 1.67
C GLY A 79 6.10 -13.70 1.85
N VAL A 80 5.80 -13.32 3.10
CA VAL A 80 4.59 -12.53 3.40
C VAL A 80 4.78 -11.10 2.94
N LEU A 81 6.03 -10.67 2.82
CA LEU A 81 6.27 -9.32 2.40
C LEU A 81 5.79 -9.17 1.00
N THR A 82 5.97 -10.16 0.16
CA THR A 82 5.56 -9.98 -1.23
C THR A 82 4.03 -10.12 -1.51
N ASP A 83 3.40 -11.09 -0.83
CA ASP A 83 1.96 -11.04 -0.62
C ASP A 83 1.47 -9.65 -0.16
N LEU A 84 1.93 -9.16 1.01
CA LEU A 84 1.52 -7.82 1.51
C LEU A 84 1.78 -6.71 0.48
N ARG A 85 3.03 -6.58 0.04
CA ARG A 85 3.27 -5.71 -1.09
C ARG A 85 2.21 -5.99 -2.09
N SER A 86 2.01 -7.24 -2.48
CA SER A 86 1.13 -7.46 -3.63
C SER A 86 -0.34 -7.10 -3.43
N ALA A 87 -0.80 -7.10 -2.19
CA ALA A 87 -2.21 -6.99 -1.88
C ALA A 87 -2.48 -5.49 -1.70
N LEU A 88 -1.49 -4.81 -1.10
CA LEU A 88 -1.52 -3.33 -0.87
C LEU A 88 -1.16 -2.45 -2.09
N VAL A 89 0.01 -2.51 -2.69
CA VAL A 89 0.01 -1.99 -4.06
C VAL A 89 -0.88 -2.95 -4.88
N ASN A 90 -1.84 -2.41 -5.64
CA ASN A 90 -2.84 -3.21 -6.33
C ASN A 90 -3.79 -2.20 -6.92
N ASN A 91 -3.91 -2.15 -8.23
CA ASN A 91 -4.67 -1.06 -8.82
C ASN A 91 -6.13 -1.00 -8.36
N THR A 92 -6.58 -2.08 -7.76
CA THR A 92 -7.93 -2.16 -7.31
C THR A 92 -8.04 -1.57 -5.94
N ILE A 93 -6.93 -1.55 -5.21
CA ILE A 93 -7.02 -1.00 -3.89
C ILE A 93 -6.89 0.47 -4.05
N PHE A 94 -5.96 0.85 -4.91
CA PHE A 94 -5.61 2.24 -5.12
C PHE A 94 -6.86 2.90 -5.48
N ALA A 95 -7.70 2.14 -6.15
CA ALA A 95 -8.86 2.71 -6.75
C ALA A 95 -9.88 2.85 -5.68
N SER A 96 -9.86 1.99 -4.67
CA SER A 96 -10.95 2.02 -3.68
C SER A 96 -10.65 3.06 -2.64
N LEU A 97 -9.37 3.37 -2.51
CA LEU A 97 -9.00 4.55 -1.77
C LEU A 97 -9.43 5.78 -2.49
N ALA A 98 -9.24 5.88 -3.80
CA ALA A 98 -9.53 7.15 -4.44
C ALA A 98 -10.96 7.56 -4.20
N VAL A 99 -11.84 6.60 -4.23
CA VAL A 99 -13.21 6.97 -4.11
C VAL A 99 -13.49 7.16 -2.61
N LYS A 100 -12.86 6.39 -1.73
CA LYS A 100 -13.05 6.68 -0.32
C LYS A 100 -12.72 8.13 -0.18
N TYR A 101 -11.87 8.63 -1.06
CA TYR A 101 -11.40 10.00 -0.85
C TYR A 101 -11.93 11.03 -1.84
N ASP A 102 -12.87 10.60 -2.67
CA ASP A 102 -13.56 11.57 -3.49
C ASP A 102 -12.80 11.98 -4.73
N TYR A 103 -11.66 11.36 -4.96
CA TYR A 103 -10.90 11.58 -6.17
C TYR A 103 -11.83 11.69 -7.40
N HIS A 104 -12.95 10.99 -7.31
CA HIS A 104 -13.87 10.89 -8.43
C HIS A 104 -14.78 12.06 -8.60
N LYS A 105 -14.73 12.98 -7.64
CA LYS A 105 -15.56 14.16 -7.75
C LYS A 105 -14.84 15.15 -8.61
N TYR A 106 -13.53 15.02 -8.75
CA TYR A 106 -12.75 16.03 -9.48
C TYR A 106 -12.13 15.42 -10.72
N PHE A 107 -12.47 14.16 -10.96
CA PHE A 107 -12.03 13.45 -12.17
C PHE A 107 -12.55 14.08 -13.46
N LYS A 108 -11.65 14.41 -14.40
CA LYS A 108 -12.08 15.03 -15.65
C LYS A 108 -12.01 14.02 -16.78
N ALA A 109 -13.17 13.68 -17.34
CA ALA A 109 -13.23 12.78 -18.47
C ALA A 109 -14.50 13.05 -19.31
N VAL A 110 -14.68 12.30 -20.39
CA VAL A 110 -15.97 12.30 -21.11
C VAL A 110 -16.37 10.83 -21.28
N SER A 111 -17.36 10.42 -20.52
CA SER A 111 -17.77 9.04 -20.52
C SER A 111 -18.79 8.77 -19.45
N PRO A 112 -20.04 8.96 -19.84
CA PRO A 112 -21.28 8.46 -19.28
C PRO A 112 -21.06 6.98 -19.03
N GLU A 113 -20.74 6.26 -20.12
CA GLU A 113 -20.36 4.85 -20.07
C GLU A 113 -19.57 4.61 -18.82
N LEU A 114 -18.49 5.36 -18.75
CA LEU A 114 -17.48 5.17 -17.71
C LEU A 114 -18.00 5.59 -16.34
N PHE A 115 -18.85 6.60 -16.33
CA PHE A 115 -19.33 7.11 -15.06
C PHE A 115 -20.34 6.18 -14.37
N HIS A 116 -21.24 5.53 -15.12
CA HIS A 116 -22.18 4.50 -14.54
C HIS A 116 -21.32 3.43 -13.88
N VAL A 117 -20.20 3.12 -14.52
CA VAL A 117 -19.23 2.25 -13.92
C VAL A 117 -18.70 2.97 -12.68
N ILE A 118 -18.01 4.05 -12.95
CA ILE A 118 -17.37 4.74 -11.85
C ILE A 118 -18.33 4.86 -10.67
N ASP A 119 -19.59 5.13 -10.99
CA ASP A 119 -20.59 5.34 -9.96
C ASP A 119 -21.10 4.08 -9.30
N ASP A 120 -21.54 3.11 -10.11
CA ASP A 120 -22.03 1.83 -9.58
C ASP A 120 -20.89 1.41 -8.64
N PHE A 121 -19.66 1.77 -9.03
CA PHE A 121 -18.50 1.46 -8.24
C PHE A 121 -18.42 2.25 -6.92
N VAL A 122 -18.55 3.56 -7.01
CA VAL A 122 -18.51 4.39 -5.82
C VAL A 122 -19.54 4.00 -4.76
N LYS A 123 -20.73 3.63 -5.21
CA LYS A 123 -21.86 3.35 -4.32
C LYS A 123 -21.61 2.07 -3.53
N PHE A 124 -21.06 1.08 -4.20
CA PHE A 124 -20.70 -0.18 -3.57
C PHE A 124 -19.78 0.00 -2.36
N GLN A 125 -18.73 0.76 -2.58
CA GLN A 125 -17.73 0.99 -1.57
C GLN A 125 -18.35 1.50 -0.28
N LEU A 126 -19.20 2.53 -0.37
CA LEU A 126 -19.67 3.20 0.85
C LEU A 126 -20.68 2.42 1.71
N GLU A 127 -21.62 1.77 1.00
CA GLU A 127 -22.65 0.85 1.57
C GLU A 127 -21.99 -0.15 2.51
N LYS A 128 -21.06 -0.90 1.94
CA LYS A 128 -20.10 -1.74 2.65
C LYS A 128 -19.58 -1.18 3.99
N ASN A 129 -19.65 0.13 4.19
CA ASN A 129 -18.79 0.78 5.19
C ASN A 129 -19.37 1.34 6.53
N GLU A 130 -20.32 0.61 7.13
CA GLU A 130 -20.72 0.89 8.51
C GLU A 130 -20.39 -0.28 9.44
N GLU A 149 -16.00 -9.93 -3.40
CA GLU A 149 -17.31 -9.74 -4.05
C GLU A 149 -17.25 -9.34 -5.55
N ASP A 150 -18.41 -9.46 -6.18
CA ASP A 150 -18.56 -9.18 -7.58
C ASP A 150 -19.04 -7.73 -7.77
N ILE A 151 -18.12 -6.81 -8.05
CA ILE A 151 -18.45 -5.43 -8.47
C ILE A 151 -17.30 -4.93 -9.35
N GLU A 152 -17.55 -4.68 -10.61
CA GLU A 152 -16.40 -4.44 -11.47
C GLU A 152 -15.71 -3.10 -11.16
N VAL A 153 -14.47 -2.93 -11.68
CA VAL A 153 -13.55 -1.83 -11.25
C VAL A 153 -13.05 -0.82 -12.34
N PRO A 154 -13.27 0.48 -12.07
CA PRO A 154 -12.85 1.61 -12.86
C PRO A 154 -11.36 1.70 -12.77
N LYS A 155 -10.66 1.11 -13.71
CA LYS A 155 -9.21 1.13 -13.61
C LYS A 155 -8.79 2.53 -13.18
N ALA A 156 -9.20 3.53 -13.95
CA ALA A 156 -8.69 4.91 -13.77
C ALA A 156 -8.57 5.42 -12.34
N MET A 157 -9.24 4.81 -11.39
CA MET A 157 -9.30 5.45 -10.11
C MET A 157 -8.22 5.00 -9.17
N GLY A 158 -7.57 3.90 -9.53
CA GLY A 158 -6.28 3.60 -8.97
C GLY A 158 -5.35 4.47 -9.75
N ASP A 159 -5.57 4.55 -11.06
CA ASP A 159 -4.65 5.29 -11.91
C ASP A 159 -4.45 6.72 -11.44
N ILE A 160 -5.48 7.36 -10.87
CA ILE A 160 -5.31 8.78 -10.43
C ILE A 160 -4.82 8.93 -9.01
N PHE A 161 -4.99 7.89 -8.23
CA PHE A 161 -4.44 7.88 -6.92
C PHE A 161 -2.97 7.86 -7.11
N GLU A 162 -2.56 7.23 -8.18
CA GLU A 162 -1.15 7.19 -8.50
C GLU A 162 -0.70 8.59 -8.93
N SER A 163 -1.16 8.99 -10.13
CA SER A 163 -0.91 10.34 -10.69
C SER A 163 -0.79 11.46 -9.67
N LEU A 164 -1.65 11.48 -8.68
CA LEU A 164 -1.67 12.60 -7.79
C LEU A 164 -0.36 12.55 -7.07
N ALA A 165 -0.10 11.38 -6.50
CA ALA A 165 1.19 11.18 -5.84
C ALA A 165 2.25 11.79 -6.74
N GLY A 166 2.22 11.47 -8.03
CA GLY A 166 3.18 12.04 -8.98
C GLY A 166 3.08 13.55 -8.97
N ALA A 167 1.91 14.06 -9.36
CA ALA A 167 1.60 15.46 -9.19
C ALA A 167 2.24 16.15 -7.92
N ILE A 168 1.83 15.70 -6.74
CA ILE A 168 2.20 16.33 -5.50
C ILE A 168 3.71 16.43 -5.28
N TYR A 169 4.37 15.31 -5.52
CA TYR A 169 5.80 15.23 -5.53
C TYR A 169 6.42 16.29 -6.45
N MET A 170 6.08 16.21 -7.73
CA MET A 170 6.50 17.16 -8.71
C MET A 170 6.18 18.61 -8.28
N ASP A 171 5.22 18.74 -7.37
CA ASP A 171 4.82 20.08 -6.89
C ASP A 171 5.78 20.54 -5.80
N SER A 172 6.10 19.62 -4.88
CA SER A 172 6.90 19.92 -3.70
C SER A 172 8.41 19.91 -3.92
N GLY A 173 8.85 19.99 -5.19
CA GLY A 173 10.26 19.90 -5.57
C GLY A 173 10.66 18.45 -5.46
N MET A 174 9.74 17.56 -5.78
CA MET A 174 10.17 16.18 -5.74
C MET A 174 10.43 15.80 -4.29
N SER A 175 9.52 16.11 -3.38
CA SER A 175 9.65 15.56 -2.03
C SER A 175 8.87 14.30 -1.67
N LEU A 176 9.63 13.23 -1.49
CA LEU A 176 9.07 12.00 -0.96
C LEU A 176 8.34 12.15 0.40
N GLU A 177 8.88 12.97 1.30
CA GLU A 177 8.35 13.02 2.67
C GLU A 177 7.02 13.68 2.56
N VAL A 178 7.01 14.77 1.77
CA VAL A 178 5.77 15.48 1.52
C VAL A 178 4.72 14.52 0.99
N VAL A 179 4.99 13.83 -0.12
CA VAL A 179 3.98 12.98 -0.68
C VAL A 179 3.56 12.08 0.42
N TRP A 180 4.52 11.67 1.23
CA TRP A 180 4.13 10.76 2.26
C TRP A 180 3.26 11.44 3.33
N GLN A 181 3.57 12.69 3.66
CA GLN A 181 2.75 13.41 4.61
C GLN A 181 1.29 13.25 4.19
N VAL A 182 1.06 13.43 2.90
CA VAL A 182 -0.29 13.41 2.44
C VAL A 182 -0.87 12.00 2.41
N TYR A 183 -0.13 11.01 1.93
CA TYR A 183 -0.75 9.76 1.55
C TYR A 183 -0.78 8.74 2.63
N TYR A 184 0.23 8.71 3.45
CA TYR A 184 0.09 7.89 4.64
C TYR A 184 -1.35 7.82 5.20
N PRO A 185 -1.86 8.97 5.61
CA PRO A 185 -3.16 9.08 6.25
C PRO A 185 -4.16 8.16 5.54
N MET A 186 -4.03 8.04 4.22
CA MET A 186 -5.06 7.41 3.44
C MET A 186 -4.92 5.90 3.48
N MET A 187 -3.70 5.40 3.52
CA MET A 187 -3.47 3.95 3.53
C MET A 187 -3.13 3.41 4.88
N GLN A 188 -2.67 4.30 5.73
CA GLN A 188 -2.27 3.95 7.04
C GLN A 188 -3.25 2.91 7.67
N PRO A 189 -4.54 3.10 7.43
CA PRO A 189 -5.55 2.27 8.07
C PRO A 189 -5.63 0.96 7.36
N LEU A 190 -5.61 1.01 6.03
CA LEU A 190 -5.69 -0.21 5.28
C LEU A 190 -4.44 -0.99 5.54
N ILE A 191 -3.34 -0.29 5.49
CA ILE A 191 -2.14 -1.04 5.59
C ILE A 191 -2.18 -1.83 6.88
N GLU A 192 -2.70 -1.19 7.91
CA GLU A 192 -2.64 -1.75 9.24
C GLU A 192 -3.57 -2.96 9.39
N LYS A 193 -4.79 -2.85 8.87
CA LYS A 193 -5.73 -3.96 8.96
C LYS A 193 -5.28 -5.19 8.15
N PHE A 194 -4.33 -5.02 7.25
CA PHE A 194 -3.90 -6.16 6.49
C PHE A 194 -2.94 -7.01 7.29
N SER A 195 -2.14 -6.32 8.08
CA SER A 195 -0.97 -6.93 8.65
C SER A 195 -1.33 -7.67 9.90
N ALA A 196 -2.21 -7.07 10.70
CA ALA A 196 -2.60 -7.71 11.92
C ALA A 196 -3.08 -9.10 11.53
N ASN A 197 -3.59 -9.23 10.31
CA ASN A 197 -4.31 -10.45 9.90
C ASN A 197 -3.51 -11.34 8.96
N VAL A 198 -2.38 -11.81 9.47
CA VAL A 198 -1.42 -12.61 8.71
C VAL A 198 -0.76 -13.59 9.64
N PRO A 199 -0.05 -14.57 9.04
CA PRO A 199 0.98 -15.39 9.64
C PRO A 199 2.05 -14.63 10.50
N ARG A 200 1.86 -14.74 11.82
CA ARG A 200 2.83 -14.29 12.79
C ARG A 200 4.17 -15.02 12.62
N SER A 201 5.09 -14.42 11.86
CA SER A 201 6.47 -14.93 11.76
C SER A 201 6.98 -15.42 13.12
N PRO A 202 7.25 -16.72 13.24
CA PRO A 202 7.13 -17.50 14.48
C PRO A 202 8.32 -17.34 15.42
N VAL A 203 9.47 -17.03 14.83
CA VAL A 203 10.65 -16.58 15.58
C VAL A 203 10.26 -15.29 16.27
N ARG A 204 10.01 -14.24 15.49
CA ARG A 204 9.55 -12.97 16.04
C ARG A 204 8.31 -13.18 16.93
N GLU A 205 7.31 -13.92 16.45
CA GLU A 205 6.18 -14.25 17.31
C GLU A 205 6.71 -14.52 18.66
N LEU A 206 7.85 -15.19 18.72
CA LEU A 206 8.27 -15.42 20.05
C LEU A 206 9.64 -15.15 20.65
N LEU A 207 10.51 -14.44 19.94
CA LEU A 207 11.45 -13.59 20.61
C LEU A 207 10.63 -12.59 21.45
N GLU A 208 9.70 -11.87 20.81
CA GLU A 208 8.60 -11.21 21.51
C GLU A 208 8.02 -12.08 22.66
N MET A 209 7.18 -13.08 22.35
CA MET A 209 6.71 -14.06 23.36
C MET A 209 7.53 -14.12 24.63
N GLU A 210 8.71 -14.75 24.54
CA GLU A 210 9.60 -14.88 25.69
C GLU A 210 10.97 -14.33 25.35
N PRO A 211 11.25 -13.10 25.84
CA PRO A 211 12.27 -12.15 25.35
C PRO A 211 13.70 -12.70 25.32
N GLU A 212 14.39 -12.68 26.46
CA GLU A 212 15.75 -13.20 26.56
C GLU A 212 15.73 -14.65 27.06
N THR A 213 14.50 -15.16 27.24
CA THR A 213 14.18 -16.45 27.91
C THR A 213 13.87 -17.62 26.93
N ALA A 214 14.38 -17.50 25.70
CA ALA A 214 14.32 -18.58 24.73
C ALA A 214 15.59 -18.60 23.89
N LYS A 215 16.22 -19.75 23.77
CA LYS A 215 17.53 -19.77 23.14
C LYS A 215 17.64 -20.70 21.93
N PHE A 216 18.49 -20.33 20.98
CA PHE A 216 18.59 -21.07 19.72
C PHE A 216 19.94 -21.68 19.52
N SER A 217 19.94 -23.00 19.39
CA SER A 217 21.14 -23.76 19.11
C SER A 217 21.88 -23.21 17.91
N PRO A 218 23.21 -23.35 17.91
CA PRO A 218 23.92 -23.17 16.65
C PRO A 218 23.16 -23.91 15.57
N ALA A 219 23.48 -23.69 14.31
CA ALA A 219 22.82 -24.46 13.30
C ALA A 219 23.62 -25.71 13.19
N GLU A 220 22.98 -26.84 12.90
CA GLU A 220 23.73 -28.05 12.60
C GLU A 220 23.10 -28.72 11.38
N ARG A 221 23.90 -29.23 10.46
CA ARG A 221 23.35 -29.68 9.15
C ARG A 221 22.94 -31.15 9.27
N THR A 222 22.38 -31.77 8.22
CA THR A 222 21.81 -33.15 8.41
C THR A 222 22.20 -34.23 7.39
N TYR A 223 21.74 -35.46 7.58
CA TYR A 223 22.11 -36.54 6.64
C TYR A 223 21.55 -36.35 5.23
N ASP A 224 20.28 -35.96 5.09
CA ASP A 224 19.73 -35.61 3.75
C ASP A 224 19.92 -34.14 3.38
N GLY A 225 21.03 -33.57 3.85
CA GLY A 225 21.39 -32.17 3.61
C GLY A 225 20.36 -31.09 3.88
N LYS A 226 19.75 -31.07 5.06
CA LYS A 226 19.02 -29.87 5.50
C LYS A 226 19.70 -29.27 6.71
N VAL A 227 19.26 -28.07 7.09
CA VAL A 227 19.77 -27.42 8.29
C VAL A 227 18.85 -27.84 9.41
N ARG A 228 19.41 -28.11 10.57
CA ARG A 228 18.60 -28.28 11.74
C ARG A 228 19.03 -27.40 12.90
N VAL A 229 18.06 -27.11 13.76
CA VAL A 229 18.23 -26.20 14.88
C VAL A 229 17.35 -26.61 16.02
N THR A 230 17.69 -26.11 17.20
CA THR A 230 17.00 -26.53 18.38
C THR A 230 16.83 -25.41 19.38
N VAL A 231 15.62 -25.29 19.95
CA VAL A 231 15.33 -24.17 20.82
C VAL A 231 15.06 -24.66 22.23
N GLU A 232 15.67 -24.00 23.21
CA GLU A 232 15.41 -24.32 24.59
C GLU A 232 14.63 -23.19 25.23
N VAL A 233 13.82 -23.56 26.22
CA VAL A 233 13.04 -22.55 26.93
C VAL A 233 12.96 -22.74 28.47
N VAL A 234 12.52 -21.65 29.13
CA VAL A 234 12.39 -21.56 30.59
C VAL A 234 11.55 -22.70 31.18
N GLY A 235 12.24 -23.78 31.58
CA GLY A 235 11.60 -24.95 32.17
C GLY A 235 10.37 -25.34 31.38
N LYS A 236 10.38 -25.01 30.10
CA LYS A 236 9.31 -25.38 29.19
C LYS A 236 10.02 -26.22 28.14
N GLY A 237 11.25 -26.61 28.48
CA GLY A 237 12.02 -27.55 27.67
C GLY A 237 12.32 -27.11 26.25
N LYS A 238 12.73 -28.10 25.44
CA LYS A 238 13.45 -27.82 24.19
C LYS A 238 12.87 -28.43 22.89
N PHE A 239 12.69 -27.58 21.88
CA PHE A 239 12.13 -28.03 20.60
C PHE A 239 13.07 -27.87 19.39
N LYS A 240 12.80 -28.70 18.40
CA LYS A 240 13.80 -29.16 17.44
C LYS A 240 13.28 -28.96 16.00
N GLY A 241 13.94 -28.14 15.19
CA GLY A 241 13.32 -27.85 13.88
C GLY A 241 14.15 -28.31 12.72
N VAL A 242 13.52 -28.59 11.58
CA VAL A 242 14.28 -28.86 10.33
C VAL A 242 13.70 -28.25 9.05
N GLY A 243 14.56 -27.74 8.16
CA GLY A 243 14.13 -27.20 6.86
C GLY A 243 15.32 -26.96 5.93
N ARG A 244 15.08 -26.69 4.64
CA ARG A 244 16.26 -26.54 3.74
C ARG A 244 17.15 -25.31 3.98
N SER A 245 16.65 -24.28 4.66
CA SER A 245 17.54 -23.22 5.11
C SER A 245 17.54 -23.03 6.61
N TYR A 246 18.48 -22.22 7.07
CA TYR A 246 18.60 -21.93 8.48
C TYR A 246 17.35 -21.19 8.92
N ARG A 247 17.20 -19.98 8.37
CA ARG A 247 16.02 -19.14 8.61
C ARG A 247 14.79 -20.06 8.80
N ILE A 248 14.61 -21.00 7.88
CA ILE A 248 13.49 -21.93 7.98
C ILE A 248 13.60 -22.93 9.13
N ALA A 249 14.76 -23.57 9.25
CA ALA A 249 14.94 -24.51 10.32
C ALA A 249 14.55 -23.80 11.58
N LYS A 250 14.99 -22.56 11.67
CA LYS A 250 14.77 -21.81 12.88
C LYS A 250 13.29 -21.70 13.23
N SER A 251 12.50 -21.17 12.33
CA SER A 251 11.09 -20.96 12.64
C SER A 251 10.29 -22.23 12.86
N ALA A 252 10.67 -23.26 12.11
CA ALA A 252 10.14 -24.59 12.29
C ALA A 252 10.40 -25.06 13.73
N ALA A 253 11.57 -24.73 14.23
CA ALA A 253 11.87 -25.02 15.61
C ALA A 253 10.94 -24.17 16.49
N ALA A 254 10.86 -22.89 16.16
CA ALA A 254 9.99 -21.93 16.83
C ALA A 254 8.54 -22.36 16.77
N ARG A 255 8.14 -22.79 15.59
CA ARG A 255 6.78 -23.16 15.40
C ARG A 255 6.39 -24.30 16.37
N ARG A 256 7.22 -25.37 16.45
CA ARG A 256 6.88 -26.51 17.32
C ARG A 256 6.83 -26.04 18.76
N ALA A 257 7.75 -25.11 19.05
CA ALA A 257 7.78 -24.46 20.33
C ALA A 257 6.47 -23.70 20.51
N LEU A 258 6.27 -22.68 19.68
CA LEU A 258 5.13 -21.82 19.84
C LEU A 258 3.95 -22.69 20.23
N ARG A 259 3.84 -23.86 19.60
CA ARG A 259 2.70 -24.76 19.81
C ARG A 259 2.54 -25.25 21.24
N SER A 260 3.58 -25.85 21.79
CA SER A 260 3.55 -26.33 23.17
C SER A 260 2.88 -25.36 24.14
N LEU A 261 3.53 -24.19 24.20
CA LEU A 261 3.23 -23.15 25.16
C LEU A 261 1.88 -22.48 24.87
N LYS A 262 0.99 -23.24 24.23
CA LYS A 262 -0.47 -23.08 24.31
C LYS A 262 -1.06 -24.47 24.53
CD CD B . 2.02 0.22 10.36
CD CD C . -16.98 31.34 -17.99
CD CD D . -1.51 2.46 -12.84
#